data_5I29
#
_entry.id   5I29
#
_cell.length_a   47.397
_cell.length_b   59.471
_cell.length_c   59.866
_cell.angle_alpha   90.000
_cell.angle_beta   90.000
_cell.angle_gamma   90.000
#
_symmetry.space_group_name_H-M   'P 21 21 21'
#
loop_
_entity.id
_entity.type
_entity.pdbx_description
1 polymer 'Transcription initiation factor TFIID subunit 1'
2 non-polymer N,N-dimethyl-3-(6-methyl-7-oxo-6,7-dihydro-1H-pyrrolo[2,3-c]pyridin-4-yl)benzamide
3 non-polymer 'CALCIUM ION'
4 water water
#
_entity_poly.entity_id   1
_entity_poly.type   'polypeptide(L)'
_entity_poly.pdbx_seq_one_letter_code
;GSPLLDDDDQVAFSFILDNIVTQKMMAVPDSWPFHHPVNKKFVPDYYKVIVNPMDLETIRKNISKHKYQSRESFLDDVNL
ILANSVKYNGPESQYTKTAQEIVNVCYQTLTEYDEHLTQLEKDICTAKEAALEEAELESLDPMT
;
_entity_poly.pdbx_strand_id   A
#
loop_
_chem_comp.id
_chem_comp.type
_chem_comp.name
_chem_comp.formula
67B non-polymer N,N-dimethyl-3-(6-methyl-7-oxo-6,7-dihydro-1H-pyrrolo[2,3-c]pyridin-4-yl)benzamide 'C17 H17 N3 O2'
CA non-polymer 'CALCIUM ION' 'Ca 2'
#
# COMPACT_ATOMS: atom_id res chain seq x y z
N ASP A 6 7.45 3.10 -13.48
CA ASP A 6 8.22 2.39 -14.59
C ASP A 6 9.71 2.81 -14.68
N ASP A 7 10.03 3.99 -14.17
CA ASP A 7 11.45 4.30 -14.02
C ASP A 7 12.15 3.33 -13.04
N ASP A 8 13.44 3.07 -13.17
CA ASP A 8 14.21 2.39 -12.13
C ASP A 8 13.85 2.73 -10.69
N ASP A 9 13.66 3.98 -10.37
CA ASP A 9 13.43 4.32 -8.94
C ASP A 9 12.07 3.84 -8.48
N GLN A 10 11.03 4.02 -9.34
CA GLN A 10 9.72 3.51 -9.00
C GLN A 10 9.76 1.98 -8.94
N VAL A 11 10.44 1.28 -9.80
CA VAL A 11 10.53 -0.15 -9.75
C VAL A 11 11.19 -0.60 -8.46
N ALA A 12 12.28 0.08 -8.01
CA ALA A 12 12.99 -0.31 -6.79
C ALA A 12 12.09 -0.05 -5.59
N PHE A 13 11.32 1.01 -5.62
CA PHE A 13 10.43 1.37 -4.52
C PHE A 13 9.32 0.33 -4.38
N SER A 14 8.69 0.02 -5.50
CA SER A 14 7.67 -1.01 -5.50
C SER A 14 8.16 -2.37 -5.08
N PHE A 15 9.39 -2.70 -5.49
CA PHE A 15 10.03 -3.98 -5.11
C PHE A 15 10.13 -4.07 -3.58
N ILE A 16 10.52 -3.01 -2.93
CA ILE A 16 10.62 -3.05 -1.44
C ILE A 16 9.20 -3.22 -0.87
N LEU A 17 8.18 -2.46 -1.36
CA LEU A 17 6.83 -2.57 -0.80
C LEU A 17 6.29 -3.96 -1.00
N ASP A 18 6.47 -4.56 -2.18
CA ASP A 18 5.93 -5.87 -2.38
C ASP A 18 6.54 -6.93 -1.51
N ASN A 19 7.86 -6.83 -1.25
CA ASN A 19 8.51 -7.76 -0.33
C ASN A 19 8.05 -7.56 1.08
N ILE A 20 7.77 -6.35 1.49
CA ILE A 20 7.27 -6.17 2.85
C ILE A 20 5.90 -6.88 2.96
N VAL A 21 5.02 -6.73 1.91
CA VAL A 21 3.72 -7.35 1.99
C VAL A 21 3.88 -8.85 2.06
N THR A 22 4.65 -9.43 1.09
CA THR A 22 4.65 -10.91 0.98
C THR A 22 5.47 -11.61 2.01
N GLN A 23 6.60 -11.06 2.33
CA GLN A 23 7.54 -11.77 3.23
C GLN A 23 7.25 -11.48 4.65
N LYS A 24 6.70 -10.34 5.02
CA LYS A 24 6.52 -9.91 6.37
C LYS A 24 5.08 -9.84 6.77
N MET A 25 4.26 -9.05 6.06
CA MET A 25 2.87 -8.84 6.48
C MET A 25 2.03 -10.10 6.32
N MET A 26 2.20 -10.81 5.18
CA MET A 26 1.41 -12.00 4.99
C MET A 26 1.83 -13.17 5.86
N ALA A 27 3.05 -13.07 6.42
CA ALA A 27 3.59 -14.11 7.30
C ALA A 27 3.11 -13.90 8.69
N VAL A 28 2.47 -12.82 9.09
CA VAL A 28 1.96 -12.72 10.43
C VAL A 28 1.07 -13.92 10.74
N PRO A 29 1.16 -14.56 11.92
CA PRO A 29 0.36 -15.75 12.14
C PRO A 29 -1.15 -15.43 12.00
N ASP A 30 -1.85 -16.38 11.40
CA ASP A 30 -3.34 -16.26 11.35
C ASP A 30 -3.80 -14.98 10.66
N SER A 31 -2.97 -14.45 9.81
CA SER A 31 -3.37 -13.24 9.04
C SER A 31 -4.24 -13.50 7.82
N TRP A 32 -4.50 -14.73 7.51
CA TRP A 32 -5.28 -15.05 6.33
C TRP A 32 -6.61 -14.23 6.17
N PRO A 33 -7.32 -13.73 7.18
CA PRO A 33 -8.53 -12.93 6.82
C PRO A 33 -8.18 -11.74 6.01
N PHE A 34 -6.97 -11.25 6.03
CA PHE A 34 -6.57 -10.01 5.41
C PHE A 34 -5.84 -10.23 4.11
N HIS A 35 -5.60 -11.48 3.74
CA HIS A 35 -4.79 -11.73 2.55
C HIS A 35 -5.48 -11.37 1.23
N HIS A 36 -6.81 -11.47 1.19
CA HIS A 36 -7.60 -11.33 -0.05
C HIS A 36 -8.83 -10.56 0.29
N PRO A 37 -9.54 -10.00 -0.75
CA PRO A 37 -10.80 -9.31 -0.46
C PRO A 37 -11.81 -10.26 0.21
N VAL A 38 -12.62 -9.66 1.08
CA VAL A 38 -13.69 -10.48 1.68
C VAL A 38 -14.72 -10.88 0.61
N ASN A 39 -15.13 -12.08 0.58
CA ASN A 39 -16.21 -12.57 -0.28
C ASN A 39 -17.51 -12.54 0.49
N LYS A 40 -18.50 -11.80 -0.06
CA LYS A 40 -19.78 -11.75 0.58
C LYS A 40 -20.44 -13.10 0.71
N LYS A 41 -20.08 -14.09 -0.07
CA LYS A 41 -20.62 -15.43 0.14
C LYS A 41 -20.17 -16.05 1.44
N PHE A 42 -19.02 -15.61 1.97
CA PHE A 42 -18.41 -16.11 3.21
C PHE A 42 -18.69 -15.17 4.35
N VAL A 43 -18.87 -13.87 4.14
CA VAL A 43 -19.12 -12.92 5.24
C VAL A 43 -20.27 -11.99 4.74
N PRO A 44 -21.54 -12.43 4.92
CA PRO A 44 -22.66 -11.84 4.16
C PRO A 44 -22.85 -10.38 4.45
N ASP A 45 -22.54 -9.87 5.63
CA ASP A 45 -22.86 -8.51 5.96
C ASP A 45 -21.68 -7.52 5.83
N TYR A 46 -20.53 -8.04 5.34
CA TYR A 46 -19.29 -7.27 5.43
C TYR A 46 -19.42 -5.90 4.78
N TYR A 47 -19.94 -5.89 3.53
CA TYR A 47 -19.94 -4.69 2.72
C TYR A 47 -21.18 -3.82 3.02
N LYS A 48 -22.05 -4.30 3.92
CA LYS A 48 -23.12 -3.46 4.50
C LYS A 48 -22.52 -2.51 5.49
N VAL A 49 -21.37 -2.89 6.13
CA VAL A 49 -20.71 -2.15 7.18
C VAL A 49 -19.47 -1.41 6.69
N ILE A 50 -18.67 -2.06 5.80
CA ILE A 50 -17.41 -1.48 5.34
C ILE A 50 -17.63 -0.86 3.93
N VAL A 51 -17.48 0.45 3.91
CA VAL A 51 -17.75 1.10 2.63
C VAL A 51 -16.50 1.35 1.85
N ASN A 52 -15.30 1.26 2.43
CA ASN A 52 -14.06 1.36 1.77
C ASN A 52 -13.16 0.18 2.02
N PRO A 53 -13.47 -0.96 1.40
CA PRO A 53 -12.74 -2.22 1.73
C PRO A 53 -11.34 -2.20 1.19
N MET A 54 -10.43 -2.90 1.89
CA MET A 54 -9.04 -3.04 1.47
C MET A 54 -8.52 -4.31 1.99
N ASP A 55 -7.50 -4.87 1.32
CA ASP A 55 -6.91 -6.16 1.75
C ASP A 55 -5.51 -6.20 1.12
N LEU A 56 -4.70 -7.22 1.48
CA LEU A 56 -3.32 -7.25 1.01
C LEU A 56 -3.15 -7.57 -0.41
N GLU A 57 -4.02 -8.40 -1.00
CA GLU A 57 -3.95 -8.66 -2.43
C GLU A 57 -4.21 -7.42 -3.26
N THR A 58 -5.21 -6.67 -2.85
CA THR A 58 -5.50 -5.40 -3.59
C THR A 58 -4.28 -4.47 -3.49
N ILE A 59 -3.70 -4.40 -2.27
CA ILE A 59 -2.43 -3.62 -2.16
C ILE A 59 -1.32 -4.15 -3.10
N ARG A 60 -1.19 -5.43 -3.19
CA ARG A 60 -0.19 -5.98 -4.11
C ARG A 60 -0.53 -5.62 -5.56
N LYS A 61 -1.82 -5.65 -5.94
CA LYS A 61 -2.18 -5.25 -7.33
C LYS A 61 -1.85 -3.78 -7.54
N ASN A 62 -2.09 -2.94 -6.53
CA ASN A 62 -1.72 -1.55 -6.61
C ASN A 62 -0.22 -1.37 -6.76
N ILE A 63 0.57 -2.08 -5.95
CA ILE A 63 2.04 -2.01 -6.09
C ILE A 63 2.46 -2.40 -7.49
N SER A 64 1.84 -3.43 -8.06
CA SER A 64 2.21 -3.88 -9.42
C SER A 64 1.99 -2.80 -10.45
N LYS A 65 1.04 -1.96 -10.23
CA LYS A 65 0.72 -0.83 -11.11
C LYS A 65 1.38 0.45 -10.68
N HIS A 66 2.31 0.33 -9.69
CA HIS A 66 3.01 1.51 -9.24
C HIS A 66 2.10 2.61 -8.71
N LYS A 67 1.03 2.24 -8.02
CA LYS A 67 0.12 3.19 -7.52
C LYS A 67 0.82 4.10 -6.51
N TYR A 68 1.73 3.50 -5.68
CA TYR A 68 2.33 4.25 -4.54
C TYR A 68 3.67 4.81 -4.90
N GLN A 69 3.78 6.11 -4.80
CA GLN A 69 5.06 6.80 -4.94
C GLN A 69 5.62 7.28 -3.62
N SER A 70 4.94 6.96 -2.53
CA SER A 70 5.35 7.36 -1.17
C SER A 70 4.96 6.34 -0.22
N ARG A 71 5.66 6.33 0.91
CA ARG A 71 5.30 5.46 2.01
C ARG A 71 3.93 5.90 2.52
N GLU A 72 3.68 7.23 2.57
CA GLU A 72 2.41 7.64 3.14
C GLU A 72 1.19 7.06 2.41
N SER A 73 1.24 7.05 1.06
CA SER A 73 0.10 6.54 0.29
C SER A 73 -0.07 5.04 0.44
N PHE A 74 1.07 4.30 0.49
CA PHE A 74 0.97 2.87 0.79
C PHE A 74 0.37 2.63 2.16
N LEU A 75 0.87 3.39 3.16
CA LEU A 75 0.42 3.25 4.54
C LEU A 75 -1.01 3.69 4.78
N ASP A 76 -1.51 4.57 3.88
CA ASP A 76 -2.97 4.88 3.90
C ASP A 76 -3.79 3.60 3.65
N ASP A 77 -3.41 2.81 2.68
CA ASP A 77 -4.14 1.58 2.40
C ASP A 77 -3.91 0.54 3.45
N VAL A 78 -2.65 0.43 4.00
CA VAL A 78 -2.42 -0.49 5.10
C VAL A 78 -3.32 -0.13 6.32
N ASN A 79 -3.38 1.12 6.63
CA ASN A 79 -4.17 1.58 7.73
C ASN A 79 -5.68 1.34 7.54
N LEU A 80 -6.13 1.37 6.25
CA LEU A 80 -7.55 1.06 5.98
C LEU A 80 -7.85 -0.31 6.37
N ILE A 81 -6.94 -1.27 6.18
CA ILE A 81 -7.18 -2.64 6.63
C ILE A 81 -7.43 -2.70 8.11
N LEU A 82 -6.63 -2.02 8.90
CA LEU A 82 -6.79 -1.98 10.35
C LEU A 82 -8.14 -1.28 10.74
N ALA A 83 -8.33 -0.11 10.15
CA ALA A 83 -9.55 0.68 10.50
C ALA A 83 -10.79 -0.14 10.17
N ASN A 84 -10.78 -0.85 9.05
CA ASN A 84 -11.96 -1.65 8.73
C ASN A 84 -12.19 -2.75 9.71
N SER A 85 -11.09 -3.38 10.20
CA SER A 85 -11.29 -4.40 11.21
C SER A 85 -11.79 -3.80 12.55
N VAL A 86 -11.30 -2.64 12.90
CA VAL A 86 -11.83 -1.99 14.10
C VAL A 86 -13.31 -1.76 13.95
N LYS A 87 -13.80 -1.31 12.79
CA LYS A 87 -15.24 -1.06 12.57
C LYS A 87 -16.02 -2.34 12.53
N TYR A 88 -15.59 -3.31 11.73
CA TYR A 88 -16.41 -4.49 11.54
C TYR A 88 -16.39 -5.45 12.71
N ASN A 89 -15.17 -5.68 13.26
CA ASN A 89 -14.96 -6.69 14.30
C ASN A 89 -14.92 -6.08 15.68
N GLY A 90 -14.56 -4.81 15.82
CA GLY A 90 -14.43 -4.21 17.16
C GLY A 90 -12.96 -4.02 17.46
N PRO A 91 -12.62 -3.03 18.33
CA PRO A 91 -11.22 -2.73 18.60
C PRO A 91 -10.51 -3.83 19.39
N GLU A 92 -11.27 -4.71 20.06
CA GLU A 92 -10.65 -5.71 20.91
C GLU A 92 -10.69 -7.14 20.30
N SER A 93 -11.33 -7.25 19.12
CA SER A 93 -11.45 -8.58 18.47
C SER A 93 -10.08 -9.13 18.13
N GLN A 94 -9.92 -10.45 18.19
CA GLN A 94 -8.73 -11.02 17.70
C GLN A 94 -8.42 -10.71 16.24
N TYR A 95 -9.43 -10.49 15.39
CA TYR A 95 -9.22 -10.04 14.03
C TYR A 95 -8.44 -8.75 14.02
N THR A 96 -8.85 -7.84 14.89
CA THR A 96 -8.23 -6.54 14.95
C THR A 96 -6.81 -6.64 15.58
N LYS A 97 -6.60 -7.49 16.58
CA LYS A 97 -5.23 -7.72 17.10
C LYS A 97 -4.35 -8.22 16.05
N THR A 98 -4.80 -9.11 15.19
CA THR A 98 -3.99 -9.62 14.07
C THR A 98 -3.72 -8.52 13.06
N ALA A 99 -4.75 -7.75 12.70
CA ALA A 99 -4.52 -6.55 11.80
C ALA A 99 -3.50 -5.61 12.37
N GLN A 100 -3.57 -5.42 13.69
CA GLN A 100 -2.61 -4.50 14.32
C GLN A 100 -1.18 -5.01 14.17
N GLU A 101 -1.00 -6.33 14.28
CA GLU A 101 0.29 -6.89 14.11
C GLU A 101 0.76 -6.79 12.69
N ILE A 102 -0.12 -6.91 11.70
CA ILE A 102 0.21 -6.68 10.26
C ILE A 102 0.74 -5.24 10.10
N VAL A 103 0.04 -4.27 10.70
CA VAL A 103 0.46 -2.89 10.56
C VAL A 103 1.82 -2.67 11.26
N ASN A 104 1.98 -3.24 12.46
CA ASN A 104 3.26 -3.08 13.19
C ASN A 104 4.41 -3.65 12.42
N VAL A 105 4.25 -4.81 11.82
N VAL A 105 4.20 -4.87 11.87
CA VAL A 105 5.43 -5.36 11.18
CA VAL A 105 5.31 -5.50 11.11
C VAL A 105 5.69 -4.67 9.86
C VAL A 105 5.68 -4.61 9.91
N CYS A 106 4.62 -4.07 9.27
CA CYS A 106 4.81 -3.15 8.17
C CYS A 106 5.70 -1.96 8.54
N TYR A 107 5.33 -1.25 9.62
CA TYR A 107 6.09 -0.10 10.04
C TYR A 107 7.57 -0.52 10.40
N GLN A 108 7.68 -1.64 11.09
CA GLN A 108 9.03 -2.06 11.57
C GLN A 108 9.87 -2.36 10.38
N THR A 109 9.35 -3.04 9.37
CA THR A 109 10.14 -3.43 8.17
C THR A 109 10.46 -2.22 7.37
N LEU A 110 9.49 -1.27 7.22
CA LEU A 110 9.79 -0.09 6.50
C LEU A 110 10.98 0.67 7.14
N THR A 111 11.01 0.72 8.46
CA THR A 111 12.12 1.41 9.15
C THR A 111 13.50 0.83 8.76
N GLU A 112 13.54 -0.44 8.49
CA GLU A 112 14.84 -1.05 8.05
C GLU A 112 15.28 -0.51 6.74
N TYR A 113 14.41 0.12 5.95
CA TYR A 113 14.68 0.71 4.60
C TYR A 113 14.53 2.22 4.67
N ASP A 114 14.56 2.88 5.81
CA ASP A 114 14.19 4.29 5.92
C ASP A 114 15.03 5.16 5.01
N GLU A 115 16.38 5.01 5.02
CA GLU A 115 17.20 5.87 4.21
C GLU A 115 16.97 5.66 2.75
N HIS A 116 16.94 4.46 2.29
CA HIS A 116 16.76 4.24 0.88
C HIS A 116 15.39 4.67 0.45
N LEU A 117 14.32 4.46 1.22
CA LEU A 117 12.98 4.88 0.76
C LEU A 117 12.89 6.34 0.82
N THR A 118 13.53 7.06 1.70
CA THR A 118 13.49 8.49 1.71
C THR A 118 14.09 8.99 0.40
N GLN A 119 15.20 8.43 -0.05
CA GLN A 119 15.84 8.86 -1.24
C GLN A 119 14.98 8.52 -2.44
N LEU A 120 14.52 7.30 -2.51
CA LEU A 120 13.70 6.93 -3.64
C LEU A 120 12.48 7.82 -3.78
N GLU A 121 11.83 8.19 -2.70
CA GLU A 121 10.64 9.09 -2.83
C GLU A 121 11.07 10.38 -3.43
N LYS A 122 12.18 10.96 -3.01
CA LYS A 122 12.60 12.20 -3.58
C LYS A 122 12.92 12.03 -5.02
N ASP A 123 13.64 11.02 -5.45
CA ASP A 123 14.03 10.85 -6.81
C ASP A 123 12.83 10.55 -7.73
N ILE A 124 11.88 9.77 -7.29
CA ILE A 124 10.62 9.62 -8.04
C ILE A 124 9.95 10.93 -8.26
N CYS A 125 9.89 11.76 -7.27
N CYS A 125 9.85 11.75 -7.25
CA CYS A 125 9.18 13.01 -7.42
CA CYS A 125 9.28 13.07 -7.44
C CYS A 125 9.95 14.00 -8.29
C CYS A 125 9.99 13.79 -8.50
N THR A 126 11.28 13.95 -8.30
CA THR A 126 12.07 14.80 -9.18
C THR A 126 11.86 14.33 -10.56
N ALA A 127 11.90 13.09 -10.88
CA ALA A 127 11.73 12.62 -12.23
C ALA A 127 10.31 12.92 -12.71
N LYS A 128 9.25 12.74 -11.90
CA LYS A 128 7.89 13.02 -12.31
C LYS A 128 7.79 14.49 -12.63
N GLU A 129 8.27 15.37 -11.83
CA GLU A 129 8.19 16.75 -12.11
C GLU A 129 8.90 17.13 -13.37
N ALA A 130 10.05 16.59 -13.67
CA ALA A 130 10.77 16.90 -14.92
C ALA A 130 9.95 16.42 -16.10
N ALA A 131 9.38 15.24 -16.03
CA ALA A 131 8.67 14.68 -17.14
C ALA A 131 7.37 15.51 -17.35
N LEU A 132 6.76 16.02 -16.32
CA LEU A 132 5.51 16.81 -16.41
C LEU A 132 5.90 18.07 -17.12
N GLU A 133 6.94 18.75 -16.70
CA GLU A 133 7.30 20.03 -17.28
C GLU A 133 7.67 19.81 -18.76
N GLU A 134 8.30 18.73 -19.16
CA GLU A 134 8.61 18.49 -20.55
C GLU A 134 7.30 18.30 -21.32
N ALA A 135 6.40 17.50 -20.84
CA ALA A 135 5.15 17.26 -21.54
C ALA A 135 4.37 18.55 -21.70
N GLU A 136 4.36 19.42 -20.72
CA GLU A 136 3.63 20.73 -20.80
C GLU A 136 4.23 21.56 -21.86
N LEU A 137 5.56 21.61 -21.96
CA LEU A 137 6.25 22.42 -22.95
C LEU A 137 6.07 21.84 -24.33
N GLU A 138 6.11 20.54 -24.49
CA GLU A 138 5.95 19.92 -25.79
C GLU A 138 4.52 20.16 -26.32
N SER A 139 3.50 20.18 -25.47
CA SER A 139 2.12 20.46 -25.95
C SER A 139 1.99 21.91 -26.29
N LEU A 140 2.54 22.83 -25.46
CA LEU A 140 2.31 24.22 -25.63
C LEU A 140 2.83 24.71 -26.85
N ASP A 141 3.91 24.18 -27.37
CA ASP A 141 4.22 24.60 -28.72
C ASP A 141 3.48 23.64 -29.62
N PRO A 142 2.53 24.14 -30.41
CA PRO A 142 1.70 23.21 -31.28
C PRO A 142 2.49 22.65 -32.47
N MET A 143 3.71 23.12 -32.74
CA MET A 143 4.64 22.50 -33.73
C MET A 143 5.22 21.16 -33.25
N THR A 144 5.68 20.35 -34.22
CA THR A 144 6.40 19.12 -33.94
C THR A 144 6.84 18.42 -35.24
C4 67B B . -13.77 -15.97 5.10
C2 67B B . -13.20 -14.70 2.98
C1 67B B . -11.09 -15.96 3.00
C5 67B B . -13.90 -15.95 6.48
C8 67B B . -13.23 -13.64 5.18
C9 67B B . -13.22 -12.35 7.34
C6 67B B . -13.72 -14.82 7.20
C10 67B B . -12.33 -11.38 6.92
C11 67B B . -11.23 -9.23 6.95
O1 67B B . -12.66 -8.71 9.17
C12 67B B . -12.82 -9.80 8.65
N1 67B B . -12.15 -10.20 7.54
C13 67B B . -13.74 -10.79 9.17
N2 67B B . -14.58 -10.68 10.22
C16 67B B . -15.34 -11.84 10.26
C15 67B B . -15.01 -12.69 9.23
C14 67B B . -13.96 -12.01 8.51
C7 67B B . -13.37 -13.64 6.59
C3 67B B . -13.36 -14.79 4.46
O 67B B . -14.09 -14.01 2.35
N 67B B . -12.22 -15.27 2.32
C 67B B . -12.10 -15.10 0.90
CA CA C . 4.83 20.46 -29.79
#